data_5ZXI
#
_entry.id   5ZXI
#
_cell.length_a   39.795
_cell.length_b   76.644
_cell.length_c   96.663
_cell.angle_alpha   90.00
_cell.angle_beta   97.81
_cell.angle_gamma   90.00
#
_symmetry.space_group_name_H-M   'P 1 21 1'
#
loop_
_entity.id
_entity.type
_entity.pdbx_description
1 polymer 'Peroxisome proliferator-activated receptor delta'
2 non-polymer '6-[2-({2-[4-(furan-2-yl)phenyl]-5-methyl-1H-imidazol-1-yl}methyl)phenoxy]hexanoic acid'
3 water water
#
_entity_poly.entity_id   1
_entity_poly.type   'polypeptide(L)'
_entity_poly.pdbx_seq_one_letter_code
;GSHMQVADLKAFSKHIYNAYLKNFNMTKKKARSILTGKASHTAPFVIHDIETLWQAEKGLVWKQLVNGLPPYKEISVHVF
YRCQCTTVETVRELTEFAKSIPSFSSLFLNDQVTLLKYGVHEAIFAMLASIVNKDGLLVANGSGFVTREFLRSLRKPFSD
IIEPKFEFAVKFNALELDDSDLALFIAAIILCGDRPGLMNVPRVEAIQDTILRALEFHLQANHPDAQYLFPKLLQKMADL
RQLVTEHAQMMQRIKKTETETSLHPLLQEIYKDMY
;
_entity_poly.pdbx_strand_id   A,B
#
# COMPACT_ATOMS: atom_id res chain seq x y z
N GLN A 5 -4.90 4.97 -12.49
CA GLN A 5 -4.95 6.28 -13.23
C GLN A 5 -3.63 7.09 -13.40
N VAL A 6 -3.58 7.87 -14.50
CA VAL A 6 -2.47 8.72 -14.99
C VAL A 6 -1.68 9.57 -13.97
N ALA A 7 -2.36 10.37 -13.16
CA ALA A 7 -1.64 11.16 -12.18
C ALA A 7 -1.07 10.33 -11.00
N ASP A 8 -1.82 9.32 -10.53
CA ASP A 8 -1.34 8.42 -9.52
C ASP A 8 -0.11 7.64 -10.04
N LEU A 9 -0.10 7.24 -11.31
CA LEU A 9 1.00 6.44 -11.87
C LEU A 9 2.33 7.19 -11.90
N LYS A 10 2.32 8.42 -12.46
CA LYS A 10 3.39 9.38 -12.32
C LYS A 10 3.91 9.44 -10.91
N ALA A 11 3.02 9.71 -9.95
CA ALA A 11 3.50 9.87 -8.57
C ALA A 11 4.04 8.55 -8.02
N PHE A 12 3.40 7.46 -8.41
CA PHE A 12 3.89 6.11 -7.96
C PHE A 12 5.31 5.90 -8.50
N SER A 13 5.49 6.18 -9.81
CA SER A 13 6.87 6.13 -10.35
C SER A 13 7.88 6.97 -9.60
N LYS A 14 7.49 8.22 -9.27
CA LYS A 14 8.40 9.15 -8.61
C LYS A 14 8.79 8.57 -7.24
N HIS A 15 7.85 7.97 -6.53
CA HIS A 15 8.09 7.33 -5.28
C HIS A 15 9.12 6.17 -5.40
N ILE A 16 8.93 5.33 -6.41
CA ILE A 16 9.86 4.21 -6.70
C ILE A 16 11.26 4.75 -7.04
N TYR A 17 11.34 5.78 -7.92
CA TYR A 17 12.61 6.43 -8.22
C TYR A 17 13.35 7.01 -7.00
N ASN A 18 12.66 7.80 -6.19
CA ASN A 18 13.24 8.25 -4.90
C ASN A 18 13.75 7.07 -4.03
N ALA A 19 13.00 5.96 -3.98
CA ALA A 19 13.44 4.81 -3.17
C ALA A 19 14.74 4.30 -3.75
N TYR A 20 14.78 4.28 -5.07
CA TYR A 20 15.95 3.82 -5.79
C TYR A 20 17.14 4.71 -5.45
N LEU A 21 16.98 6.03 -5.59
CA LEU A 21 18.09 6.97 -5.37
C LEU A 21 18.63 6.91 -3.95
N LYS A 22 17.74 6.66 -3.00
CA LYS A 22 18.14 6.62 -1.60
C LYS A 22 18.85 5.29 -1.25
N ASN A 23 18.62 4.20 -2.02
CA ASN A 23 19.08 2.90 -1.56
C ASN A 23 20.29 2.26 -2.25
N PHE A 24 20.52 2.62 -3.49
CA PHE A 24 21.64 2.03 -4.21
C PHE A 24 22.86 2.93 -4.17
N ASN A 25 23.97 2.43 -3.69
CA ASN A 25 25.15 3.26 -3.74
C ASN A 25 25.61 3.65 -5.12
N MET A 26 25.46 2.77 -6.09
CA MET A 26 25.85 3.02 -7.45
C MET A 26 24.66 3.13 -8.40
N THR A 27 24.43 4.26 -8.98
CA THR A 27 23.35 4.38 -9.95
C THR A 27 24.04 4.25 -11.31
N LYS A 28 23.25 3.99 -12.32
CA LYS A 28 23.76 3.99 -13.68
C LYS A 28 24.38 5.35 -14.09
N LYS A 29 23.76 6.43 -13.64
CA LYS A 29 24.29 7.76 -14.02
C LYS A 29 25.71 7.91 -13.51
N LYS A 30 25.95 7.61 -12.24
CA LYS A 30 27.28 7.67 -11.71
C LYS A 30 28.24 6.66 -12.40
N ALA A 31 27.80 5.40 -12.52
CA ALA A 31 28.59 4.38 -13.20
C ALA A 31 29.00 4.89 -14.63
N ARG A 32 28.05 5.46 -15.37
CA ARG A 32 28.34 5.88 -16.78
C ARG A 32 29.36 7.03 -16.83
N SER A 33 29.32 7.91 -15.83
CA SER A 33 30.28 9.00 -15.80
C SER A 33 31.66 8.48 -15.38
N ILE A 34 31.71 7.37 -14.66
CA ILE A 34 33.01 6.80 -14.28
C ILE A 34 33.61 6.01 -15.44
N LEU A 35 32.77 5.25 -16.12
CA LEU A 35 33.20 4.46 -17.23
C LEU A 35 33.66 5.31 -18.39
N THR A 36 32.95 6.41 -18.68
CA THR A 36 33.30 7.23 -19.85
C THR A 36 34.41 8.22 -19.51
N GLY A 37 34.60 8.45 -18.22
CA GLY A 37 35.48 9.54 -17.78
C GLY A 37 34.72 10.85 -17.83
N PRO A 44 39.51 4.76 -12.30
CA PRO A 44 39.64 3.55 -11.48
C PRO A 44 40.85 2.72 -11.88
N PHE A 45 41.31 1.91 -10.93
CA PHE A 45 42.39 1.01 -11.16
C PHE A 45 41.95 -0.25 -11.96
N VAL A 46 42.59 -0.47 -13.12
CA VAL A 46 42.31 -1.63 -13.99
C VAL A 46 42.92 -2.92 -13.50
N ILE A 47 42.07 -3.92 -13.36
CA ILE A 47 42.54 -5.22 -12.93
C ILE A 47 42.34 -6.13 -14.08
N HIS A 48 43.46 -6.66 -14.54
CA HIS A 48 43.42 -7.42 -15.77
C HIS A 48 44.27 -8.66 -15.69
N ASP A 49 44.89 -8.94 -14.53
CA ASP A 49 45.82 -10.07 -14.37
C ASP A 49 46.06 -10.39 -12.90
N ILE A 50 46.84 -11.42 -12.58
CA ILE A 50 47.06 -11.78 -11.19
C ILE A 50 47.74 -10.61 -10.44
N GLU A 51 48.74 -10.01 -11.09
CA GLU A 51 49.56 -8.96 -10.52
C GLU A 51 48.70 -7.73 -10.12
N THR A 52 47.91 -7.19 -11.06
CA THR A 52 47.02 -6.09 -10.75
C THR A 52 45.92 -6.50 -9.74
N LEU A 53 45.42 -7.72 -9.84
CA LEU A 53 44.53 -8.18 -8.84
C LEU A 53 45.21 -8.00 -7.46
N TRP A 54 46.28 -8.72 -7.14
CA TRP A 54 46.95 -8.56 -5.83
C TRP A 54 47.28 -7.08 -5.53
N GLN A 55 47.63 -6.26 -6.54
CA GLN A 55 47.89 -4.83 -6.27
C GLN A 55 46.61 -4.20 -5.72
N ALA A 56 45.46 -4.65 -6.25
CA ALA A 56 44.18 -4.12 -5.85
C ALA A 56 43.82 -4.50 -4.42
N GLU A 57 44.03 -5.76 -4.03
CA GLU A 57 43.78 -6.20 -2.64
C GLU A 57 44.73 -5.53 -1.64
N LYS A 58 45.67 -4.75 -2.15
CA LYS A 58 46.68 -4.09 -1.35
C LYS A 58 46.38 -2.58 -1.37
N GLY A 59 45.82 -2.05 -2.46
CA GLY A 59 45.43 -0.66 -2.52
C GLY A 59 44.17 -0.02 -3.02
N LEU A 60 43.16 -0.88 -3.07
CA LEU A 60 41.84 -0.67 -3.57
C LEU A 60 40.95 -1.41 -2.58
N VAL A 61 41.36 -1.44 -1.33
CA VAL A 61 40.91 -2.36 -0.27
C VAL A 61 39.43 -2.72 -0.11
N TRP A 62 38.54 -1.85 -0.54
CA TRP A 62 37.15 -2.25 -0.76
C TRP A 62 36.52 -1.78 0.52
N TYR A 72 42.31 -17.43 1.92
CA TYR A 72 42.66 -17.43 0.50
C TYR A 72 42.86 -18.84 -0.03
N LYS A 73 42.79 -19.03 -1.36
CA LYS A 73 43.15 -20.29 -2.00
C LYS A 73 43.99 -20.04 -3.30
N GLU A 74 43.38 -19.53 -4.37
CA GLU A 74 43.79 -19.61 -5.84
C GLU A 74 42.98 -18.58 -6.65
N ILE A 75 43.51 -17.98 -7.76
CA ILE A 75 42.80 -16.82 -8.44
C ILE A 75 41.35 -16.99 -8.86
N SER A 76 41.02 -18.11 -9.48
CA SER A 76 39.69 -18.33 -9.86
C SER A 76 38.70 -18.35 -8.63
N VAL A 77 39.16 -18.84 -7.48
CA VAL A 77 38.29 -18.94 -6.30
C VAL A 77 38.22 -17.59 -5.54
N HIS A 78 39.32 -16.83 -5.60
CA HIS A 78 39.39 -15.53 -4.95
C HIS A 78 38.40 -14.59 -5.67
N VAL A 79 38.40 -14.64 -7.00
CA VAL A 79 37.47 -13.83 -7.78
C VAL A 79 36.01 -14.19 -7.45
N PHE A 80 35.75 -15.48 -7.29
CA PHE A 80 34.43 -15.97 -7.02
C PHE A 80 34.00 -15.42 -5.69
N TYR A 81 34.90 -15.39 -4.69
CA TYR A 81 34.61 -14.76 -3.41
C TYR A 81 34.28 -13.30 -3.52
N ARG A 82 35.00 -12.55 -4.34
CA ARG A 82 34.64 -11.16 -4.48
C ARG A 82 33.28 -10.96 -5.18
N CYS A 83 32.93 -11.84 -6.13
CA CYS A 83 31.62 -11.85 -6.76
C CYS A 83 30.55 -12.01 -5.67
N GLN A 84 30.78 -12.99 -4.81
CA GLN A 84 29.92 -13.26 -3.66
C GLN A 84 29.85 -12.04 -2.73
N CYS A 85 30.94 -11.33 -2.47
CA CYS A 85 30.83 -10.21 -1.49
C CYS A 85 29.92 -9.07 -2.00
N THR A 86 30.05 -8.80 -3.29
CA THR A 86 29.26 -7.79 -3.93
C THR A 86 27.79 -8.18 -4.09
N THR A 87 27.51 -9.42 -4.43
CA THR A 87 26.12 -9.77 -4.51
C THR A 87 25.44 -9.75 -3.14
N VAL A 88 26.11 -10.12 -2.09
CA VAL A 88 25.51 -10.04 -0.74
C VAL A 88 25.10 -8.58 -0.39
N GLU A 89 26.01 -7.62 -0.71
CA GLU A 89 25.80 -6.21 -0.52
C GLU A 89 24.60 -5.73 -1.36
N THR A 90 24.49 -6.19 -2.63
CA THR A 90 23.38 -5.72 -3.45
C THR A 90 22.10 -6.37 -2.94
N VAL A 91 22.18 -7.60 -2.42
CA VAL A 91 20.95 -8.17 -1.90
C VAL A 91 20.45 -7.23 -0.74
N ARG A 92 21.37 -6.79 0.11
CA ARG A 92 21.06 -5.92 1.26
C ARG A 92 20.41 -4.58 0.81
N GLU A 93 20.89 -4.02 -0.32
CA GLU A 93 20.37 -2.76 -0.85
C GLU A 93 19.02 -3.01 -1.45
N LEU A 94 18.86 -4.16 -2.11
CA LEU A 94 17.56 -4.53 -2.71
C LEU A 94 16.48 -4.79 -1.65
N THR A 95 16.92 -5.33 -0.55
CA THR A 95 15.95 -5.52 0.59
C THR A 95 15.52 -4.15 1.13
N GLU A 96 16.46 -3.25 1.36
CA GLU A 96 16.12 -1.85 1.76
C GLU A 96 15.30 -1.12 0.67
N PHE A 97 15.76 -1.17 -0.59
CA PHE A 97 14.90 -0.72 -1.66
C PHE A 97 13.45 -1.28 -1.61
N ALA A 98 13.29 -2.57 -1.48
CA ALA A 98 11.93 -3.09 -1.62
C ALA A 98 11.12 -2.56 -0.40
N LYS A 99 11.78 -2.39 0.75
CA LYS A 99 11.04 -1.79 1.93
C LYS A 99 10.29 -0.48 1.69
N SER A 100 10.76 0.34 0.74
CA SER A 100 10.07 1.56 0.35
C SER A 100 9.38 1.40 -0.98
N ILE A 101 9.07 0.18 -1.43
CA ILE A 101 8.15 0.07 -2.58
C ILE A 101 6.74 0.08 -1.97
N PRO A 102 5.84 0.94 -2.49
CA PRO A 102 4.72 1.24 -1.63
C PRO A 102 4.16 0.31 -0.63
N SER A 103 3.72 -0.78 -1.15
CA SER A 103 2.89 -1.72 -0.52
C SER A 103 3.69 -2.99 -0.23
N PHE A 104 4.98 -2.96 -0.49
CA PHE A 104 5.82 -4.16 -0.27
C PHE A 104 5.82 -4.46 1.24
N SER A 105 5.89 -3.42 2.09
CA SER A 105 6.09 -3.66 3.55
C SER A 105 4.83 -4.10 4.31
N SER A 106 3.64 -4.01 3.71
CA SER A 106 2.47 -4.54 4.39
C SER A 106 2.02 -5.85 3.75
N LEU A 107 2.94 -6.51 3.04
CA LEU A 107 2.69 -7.89 2.64
C LEU A 107 2.97 -8.74 3.86
N PHE A 108 2.43 -9.97 3.88
CA PHE A 108 2.96 -10.96 4.84
C PHE A 108 4.49 -10.98 4.84
N LEU A 109 5.08 -11.08 6.03
CA LEU A 109 6.51 -11.22 6.19
C LEU A 109 7.10 -12.41 5.39
N ASN A 110 6.36 -13.51 5.26
CA ASN A 110 6.83 -14.64 4.48
C ASN A 110 6.75 -14.30 2.99
N ASP A 111 5.81 -13.44 2.56
CA ASP A 111 5.77 -13.05 1.16
C ASP A 111 6.91 -12.14 0.77
N GLN A 112 7.24 -11.15 1.62
CA GLN A 112 8.49 -10.36 1.52
C GLN A 112 9.74 -11.21 1.28
N VAL A 113 9.93 -12.24 2.11
CA VAL A 113 11.18 -13.02 2.10
C VAL A 113 11.23 -13.86 0.81
N THR A 114 10.06 -14.36 0.46
CA THR A 114 9.93 -15.16 -0.75
C THR A 114 10.19 -14.28 -2.00
N LEU A 115 9.59 -13.09 -2.03
CA LEU A 115 9.75 -12.19 -3.18
C LEU A 115 11.25 -11.87 -3.35
N LEU A 116 11.90 -11.54 -2.23
CA LEU A 116 13.32 -11.34 -2.20
C LEU A 116 14.21 -12.56 -2.53
N LYS A 117 13.88 -13.71 -1.99
CA LYS A 117 14.69 -14.89 -2.23
C LYS A 117 14.66 -15.24 -3.72
N TYR A 118 13.50 -15.24 -4.37
CA TYR A 118 13.50 -15.61 -5.79
C TYR A 118 13.78 -14.48 -6.80
N GLY A 119 13.79 -13.24 -6.38
CA GLY A 119 13.92 -12.15 -7.31
C GLY A 119 15.22 -11.35 -7.23
N VAL A 120 15.98 -11.48 -6.13
CA VAL A 120 17.17 -10.59 -5.96
C VAL A 120 18.15 -10.79 -7.14
N HIS A 121 18.27 -12.04 -7.60
CA HIS A 121 19.31 -12.34 -8.57
C HIS A 121 18.96 -11.82 -9.94
N GLU A 122 17.68 -11.90 -10.29
CA GLU A 122 17.18 -11.27 -11.45
C GLU A 122 17.42 -9.78 -11.40
N ALA A 123 17.13 -9.14 -10.25
CA ALA A 123 17.39 -7.68 -10.07
C ALA A 123 18.90 -7.46 -10.14
N ILE A 124 19.68 -8.35 -9.52
CA ILE A 124 21.10 -8.07 -9.45
C ILE A 124 21.68 -8.06 -10.92
N PHE A 125 21.31 -9.03 -11.77
CA PHE A 125 21.88 -9.12 -13.15
C PHE A 125 21.28 -8.10 -14.12
N ALA A 126 20.08 -7.59 -13.82
CA ALA A 126 19.57 -6.42 -14.50
C ALA A 126 20.42 -5.18 -14.20
N MET A 127 20.72 -4.97 -12.94
CA MET A 127 21.37 -3.73 -12.63
C MET A 127 22.87 -3.79 -12.98
N LEU A 128 23.41 -5.02 -13.04
CA LEU A 128 24.83 -5.22 -13.24
C LEU A 128 25.17 -4.56 -14.62
N ALA A 129 24.24 -4.59 -15.56
CA ALA A 129 24.42 -3.89 -16.89
C ALA A 129 24.79 -2.44 -16.66
N SER A 130 24.30 -1.82 -15.57
CA SER A 130 24.63 -0.39 -15.34
C SER A 130 26.12 -0.13 -15.17
N ILE A 131 26.86 -1.12 -14.72
CA ILE A 131 28.24 -0.93 -14.34
C ILE A 131 29.21 -1.71 -15.27
N VAL A 132 28.67 -2.16 -16.41
CA VAL A 132 29.31 -3.04 -17.37
C VAL A 132 29.47 -2.25 -18.70
N ASN A 133 30.59 -2.45 -19.38
CA ASN A 133 30.61 -2.21 -20.81
C ASN A 133 31.15 -3.51 -21.48
N LYS A 134 31.25 -3.54 -22.80
CA LYS A 134 31.77 -4.73 -23.46
C LYS A 134 33.19 -5.13 -22.97
N ASP A 135 33.96 -4.20 -22.38
CA ASP A 135 35.34 -4.52 -21.96
C ASP A 135 35.53 -4.87 -20.46
N GLY A 136 34.48 -4.92 -19.67
CA GLY A 136 34.65 -5.19 -18.20
C GLY A 136 33.61 -4.48 -17.31
N LEU A 137 33.82 -4.47 -15.99
CA LEU A 137 32.87 -3.83 -15.15
C LEU A 137 33.56 -3.14 -13.98
N LEU A 138 32.86 -2.14 -13.41
CA LEU A 138 33.34 -1.46 -12.17
C LEU A 138 33.18 -2.31 -10.96
N VAL A 139 34.18 -2.21 -10.10
CA VAL A 139 34.15 -2.90 -8.86
C VAL A 139 34.44 -1.90 -7.72
N ALA A 140 34.03 -2.25 -6.50
CA ALA A 140 34.39 -1.45 -5.31
C ALA A 140 33.95 -0.02 -5.48
N ASN A 141 32.66 0.14 -5.67
CA ASN A 141 32.03 1.44 -5.84
C ASN A 141 32.73 2.36 -6.88
N GLY A 142 33.14 1.79 -8.01
CA GLY A 142 33.67 2.57 -9.12
C GLY A 142 35.16 2.80 -8.95
N SER A 143 35.78 2.33 -7.88
CA SER A 143 37.22 2.60 -7.88
C SER A 143 38.13 1.54 -8.56
N GLY A 144 37.54 0.43 -9.06
CA GLY A 144 38.29 -0.62 -9.78
C GLY A 144 37.56 -0.91 -11.09
N PHE A 145 38.29 -1.41 -12.09
CA PHE A 145 37.67 -1.91 -13.33
C PHE A 145 38.31 -3.26 -13.62
N VAL A 146 37.50 -4.31 -13.74
CA VAL A 146 37.98 -5.66 -13.97
C VAL A 146 37.61 -5.97 -15.40
N THR A 147 38.57 -6.40 -16.21
CA THR A 147 38.31 -6.56 -17.61
C THR A 147 37.65 -7.88 -17.83
N ARG A 148 36.83 -7.94 -18.83
CA ARG A 148 36.10 -9.14 -19.10
C ARG A 148 37.11 -10.19 -19.58
N GLU A 149 38.20 -9.75 -20.26
CA GLU A 149 39.22 -10.71 -20.75
C GLU A 149 39.83 -11.39 -19.57
N PHE A 150 40.20 -10.62 -18.56
CA PHE A 150 40.71 -11.23 -17.37
C PHE A 150 39.70 -12.24 -16.79
N LEU A 151 38.40 -11.90 -16.77
CA LEU A 151 37.42 -12.82 -16.13
C LEU A 151 37.26 -14.08 -17.00
N ARG A 152 37.39 -13.91 -18.32
CA ARG A 152 37.34 -15.07 -19.21
C ARG A 152 38.46 -16.02 -18.95
N SER A 153 39.63 -15.51 -18.53
CA SER A 153 40.85 -16.28 -18.39
C SER A 153 40.78 -17.13 -17.14
N LEU A 154 39.77 -16.91 -16.30
CA LEU A 154 39.65 -17.73 -15.08
C LEU A 154 39.36 -19.16 -15.45
N ARG A 155 39.65 -20.09 -14.56
CA ARG A 155 39.32 -21.47 -14.96
C ARG A 155 37.81 -21.79 -14.97
N LYS A 156 37.44 -22.80 -15.73
CA LYS A 156 36.10 -23.33 -15.58
C LYS A 156 35.95 -23.91 -14.15
N PRO A 157 34.73 -23.87 -13.57
CA PRO A 157 33.44 -23.33 -14.03
C PRO A 157 33.22 -21.82 -13.73
N PHE A 158 34.23 -21.19 -13.17
CA PHE A 158 34.16 -19.79 -12.77
C PHE A 158 34.07 -18.83 -13.96
N SER A 159 34.89 -19.07 -14.99
CA SER A 159 34.82 -18.22 -16.20
C SER A 159 33.45 -18.38 -16.86
N ASP A 160 32.94 -19.62 -16.92
CA ASP A 160 31.62 -19.88 -17.48
C ASP A 160 30.41 -19.24 -16.74
N ILE A 161 30.45 -19.11 -15.41
CA ILE A 161 29.33 -18.51 -14.68
C ILE A 161 29.31 -16.98 -14.89
N ILE A 162 30.40 -16.41 -15.46
CA ILE A 162 30.54 -14.97 -15.60
C ILE A 162 30.14 -14.46 -16.97
N GLU A 163 30.69 -15.06 -18.03
CA GLU A 163 30.53 -14.52 -19.36
C GLU A 163 29.08 -14.37 -19.83
N PRO A 164 28.13 -15.26 -19.44
CA PRO A 164 26.72 -15.00 -19.92
C PRO A 164 26.04 -13.72 -19.32
N LYS A 165 26.53 -13.24 -18.18
CA LYS A 165 25.98 -11.97 -17.66
C LYS A 165 26.42 -10.82 -18.53
N PHE A 166 27.67 -10.82 -18.98
CA PHE A 166 28.14 -9.81 -19.92
C PHE A 166 27.37 -9.81 -21.19
N GLU A 167 27.12 -11.01 -21.70
CA GLU A 167 26.33 -11.10 -22.90
C GLU A 167 24.94 -10.54 -22.65
N PHE A 168 24.26 -10.96 -21.55
CA PHE A 168 23.01 -10.27 -21.23
C PHE A 168 23.17 -8.72 -21.10
N ALA A 169 24.09 -8.25 -20.25
CA ALA A 169 24.26 -6.82 -20.03
C ALA A 169 24.51 -5.96 -21.31
N VAL A 170 25.43 -6.40 -22.15
CA VAL A 170 25.71 -5.65 -23.41
C VAL A 170 24.42 -5.38 -24.20
N LYS A 171 23.54 -6.39 -24.34
CA LYS A 171 22.31 -6.17 -25.13
C LYS A 171 21.23 -5.36 -24.38
N PHE A 172 21.19 -5.56 -23.07
CA PHE A 172 20.35 -4.77 -22.23
C PHE A 172 20.78 -3.29 -22.32
N ASN A 173 22.07 -2.98 -22.26
CA ASN A 173 22.50 -1.58 -22.32
C ASN A 173 22.15 -0.86 -23.63
N ALA A 174 21.85 -1.64 -24.66
CA ALA A 174 21.55 -1.07 -26.02
C ALA A 174 20.17 -0.42 -26.01
N LEU A 175 19.33 -0.81 -25.03
CA LEU A 175 18.01 -0.24 -24.84
C LEU A 175 18.09 1.12 -24.11
N GLU A 176 19.29 1.48 -23.65
CA GLU A 176 19.60 2.80 -23.08
C GLU A 176 18.57 3.28 -22.09
N LEU A 177 18.17 2.39 -21.15
CA LEU A 177 17.42 2.83 -19.97
C LEU A 177 18.25 3.74 -19.09
N ASP A 178 17.56 4.59 -18.28
CA ASP A 178 18.20 5.41 -17.32
C ASP A 178 17.70 4.97 -15.95
N ASP A 179 18.24 5.54 -14.90
CA ASP A 179 17.88 5.22 -13.49
C ASP A 179 16.39 5.17 -13.19
N SER A 180 15.68 6.13 -13.76
CA SER A 180 14.27 6.25 -13.49
C SER A 180 13.49 5.11 -14.11
N ASP A 181 13.88 4.68 -15.32
CA ASP A 181 13.28 3.50 -15.95
C ASP A 181 13.64 2.25 -15.13
N LEU A 182 14.94 2.12 -14.86
CA LEU A 182 15.43 1.01 -14.08
C LEU A 182 14.74 0.88 -12.73
N ALA A 183 14.37 1.98 -12.07
CA ALA A 183 13.81 1.83 -10.70
C ALA A 183 12.52 1.01 -10.76
N LEU A 184 11.73 1.28 -11.78
CA LEU A 184 10.42 0.61 -11.96
C LEU A 184 10.58 -0.85 -12.48
N PHE A 185 11.57 -1.05 -13.37
CA PHE A 185 11.91 -2.36 -13.91
C PHE A 185 12.33 -3.29 -12.76
N ILE A 186 13.25 -2.81 -11.93
CA ILE A 186 13.66 -3.60 -10.76
C ILE A 186 12.49 -3.88 -9.81
N ALA A 187 11.65 -2.87 -9.53
CA ALA A 187 10.49 -3.09 -8.67
C ALA A 187 9.57 -4.19 -9.29
N ALA A 188 9.37 -4.15 -10.60
CA ALA A 188 8.55 -5.23 -11.28
C ALA A 188 9.13 -6.65 -11.14
N ILE A 189 10.45 -6.76 -11.05
CA ILE A 189 11.15 -8.02 -10.85
C ILE A 189 10.94 -8.51 -9.42
N ILE A 190 11.02 -7.59 -8.46
CA ILE A 190 10.82 -7.99 -7.09
C ILE A 190 9.35 -8.37 -6.89
N LEU A 191 8.40 -7.54 -7.34
CA LEU A 191 6.98 -7.81 -7.07
C LEU A 191 6.36 -8.78 -8.08
N CYS A 192 6.87 -9.99 -8.13
CA CYS A 192 6.51 -10.91 -9.17
C CYS A 192 5.52 -11.90 -8.61
N GLY A 193 4.37 -12.00 -9.29
CA GLY A 193 3.27 -12.78 -8.77
C GLY A 193 3.51 -14.26 -8.86
N ASP A 194 4.47 -14.65 -9.69
CA ASP A 194 4.66 -16.04 -10.10
C ASP A 194 5.55 -16.88 -9.19
N ARG A 195 6.15 -16.28 -8.15
CA ARG A 195 7.14 -16.98 -7.33
C ARG A 195 6.47 -18.06 -6.49
N PRO A 196 7.14 -19.21 -6.31
CA PRO A 196 6.66 -20.41 -5.60
C PRO A 196 6.44 -20.15 -4.12
N GLY A 197 5.26 -20.52 -3.63
CA GLY A 197 5.02 -20.55 -2.19
C GLY A 197 4.59 -19.24 -1.59
N LEU A 198 4.03 -18.36 -2.40
CA LEU A 198 3.47 -17.09 -1.93
C LEU A 198 2.14 -17.32 -1.29
N MET A 199 1.83 -16.53 -0.25
CA MET A 199 0.56 -16.67 0.43
C MET A 199 -0.52 -15.88 -0.30
N ASN A 200 -0.30 -14.58 -0.52
CA ASN A 200 -1.33 -13.77 -1.14
C ASN A 200 -0.88 -13.40 -2.51
N VAL A 201 -1.04 -14.37 -3.41
CA VAL A 201 -0.72 -14.20 -4.82
C VAL A 201 -1.52 -13.03 -5.43
N PRO A 202 -2.88 -13.03 -5.32
CA PRO A 202 -3.57 -11.86 -5.95
C PRO A 202 -3.07 -10.46 -5.54
N ARG A 203 -2.64 -10.28 -4.28
CA ARG A 203 -2.14 -9.01 -3.84
C ARG A 203 -0.82 -8.68 -4.57
N VAL A 204 0.07 -9.66 -4.65
CA VAL A 204 1.36 -9.45 -5.32
C VAL A 204 1.10 -9.08 -6.80
N GLU A 205 0.32 -9.90 -7.48
CA GLU A 205 -0.04 -9.65 -8.85
C GLU A 205 -0.63 -8.23 -9.04
N ALA A 206 -1.37 -7.73 -8.04
CA ALA A 206 -2.01 -6.41 -8.19
C ALA A 206 -0.95 -5.30 -8.17
N ILE A 207 0.00 -5.39 -7.22
CA ILE A 207 1.09 -4.44 -7.16
C ILE A 207 1.92 -4.53 -8.45
N GLN A 208 2.28 -5.73 -8.87
CA GLN A 208 3.05 -5.83 -10.09
C GLN A 208 2.38 -5.15 -11.26
N ASP A 209 1.11 -5.44 -11.52
CA ASP A 209 0.36 -4.77 -12.58
C ASP A 209 0.36 -3.21 -12.51
N THR A 210 0.21 -2.66 -11.31
CA THR A 210 0.39 -1.23 -11.07
C THR A 210 1.79 -0.76 -11.41
N ILE A 211 2.80 -1.53 -10.98
CA ILE A 211 4.19 -1.17 -11.33
C ILE A 211 4.31 -1.18 -12.86
N LEU A 212 3.84 -2.26 -13.53
CA LEU A 212 3.97 -2.36 -14.98
C LEU A 212 3.19 -1.33 -15.79
N ARG A 213 1.98 -0.95 -15.37
CA ARG A 213 1.32 0.25 -15.92
C ARG A 213 2.08 1.53 -15.68
N ALA A 214 2.61 1.72 -14.47
CA ALA A 214 3.38 2.93 -14.25
C ALA A 214 4.54 2.92 -15.24
N LEU A 215 5.12 1.73 -15.44
CA LEU A 215 6.28 1.64 -16.34
C LEU A 215 5.89 1.96 -17.75
N GLU A 216 4.78 1.42 -18.24
CA GLU A 216 4.41 1.76 -19.62
C GLU A 216 4.28 3.25 -19.81
N PHE A 217 3.57 3.87 -18.90
CA PHE A 217 3.38 5.30 -18.94
C PHE A 217 4.72 6.10 -18.91
N HIS A 218 5.60 5.76 -17.97
CA HIS A 218 6.91 6.43 -17.79
C HIS A 218 7.77 6.36 -19.04
N LEU A 219 7.80 5.20 -19.72
CA LEU A 219 8.50 5.04 -21.00
C LEU A 219 8.03 5.88 -22.19
N GLN A 220 6.71 6.08 -22.33
CA GLN A 220 6.17 6.95 -23.38
C GLN A 220 6.72 8.35 -23.14
N ALA A 221 6.70 8.72 -21.85
CA ALA A 221 7.06 10.05 -21.47
C ALA A 221 8.59 10.21 -21.59
N ASN A 222 9.34 9.20 -21.14
CA ASN A 222 10.83 9.33 -20.99
C ASN A 222 11.54 8.89 -22.26
N HIS A 223 10.87 8.04 -23.03
CA HIS A 223 11.46 7.56 -24.29
C HIS A 223 10.44 7.67 -25.38
N PRO A 224 10.08 8.90 -25.77
CA PRO A 224 8.89 9.06 -26.64
C PRO A 224 9.12 8.60 -28.09
N ASP A 225 10.37 8.47 -28.52
CA ASP A 225 10.65 8.04 -29.90
C ASP A 225 11.08 6.57 -30.05
N ALA A 226 10.91 5.77 -28.98
CA ALA A 226 11.39 4.39 -28.94
C ALA A 226 10.25 3.47 -29.22
N GLN A 227 10.29 2.78 -30.34
CA GLN A 227 9.20 1.89 -30.63
C GLN A 227 9.42 0.54 -29.99
N TYR A 228 8.39 0.09 -29.29
CA TYR A 228 8.37 -1.25 -28.82
C TYR A 228 9.14 -1.41 -27.49
N LEU A 229 9.43 -0.31 -26.78
CA LEU A 229 10.36 -0.41 -25.69
C LEU A 229 9.74 -1.19 -24.52
N PHE A 230 8.44 -1.02 -24.32
CA PHE A 230 7.83 -1.73 -23.20
C PHE A 230 7.77 -3.25 -23.45
N PRO A 231 7.33 -3.71 -24.65
CA PRO A 231 7.29 -5.17 -24.76
C PRO A 231 8.69 -5.74 -24.82
N LYS A 232 9.63 -4.96 -25.37
CA LYS A 232 11.04 -5.29 -25.25
C LYS A 232 11.47 -5.56 -23.80
N LEU A 233 11.10 -4.66 -22.87
CA LEU A 233 11.42 -4.90 -21.42
C LEU A 233 10.77 -6.13 -20.77
N LEU A 234 9.48 -6.40 -21.06
CA LEU A 234 8.83 -7.66 -20.68
C LEU A 234 9.65 -8.86 -21.17
N GLN A 235 10.20 -8.78 -22.38
CA GLN A 235 10.98 -9.90 -22.82
C GLN A 235 12.29 -10.03 -21.98
N LYS A 236 12.90 -8.90 -21.60
CA LYS A 236 14.19 -8.94 -20.92
C LYS A 236 13.92 -9.58 -19.56
N MET A 237 12.70 -9.38 -19.07
CA MET A 237 12.27 -9.93 -17.80
C MET A 237 12.18 -11.42 -17.99
N ALA A 238 11.59 -11.89 -19.11
CA ALA A 238 11.63 -13.36 -19.40
C ALA A 238 13.07 -13.85 -19.47
N ASP A 239 13.92 -13.09 -20.18
CA ASP A 239 15.31 -13.54 -20.42
C ASP A 239 16.05 -13.52 -19.12
N LEU A 240 15.68 -12.59 -18.24
CA LEU A 240 16.37 -12.58 -16.95
C LEU A 240 16.05 -13.84 -16.12
N ARG A 241 14.80 -14.32 -16.17
CA ARG A 241 14.42 -15.55 -15.45
C ARG A 241 15.23 -16.75 -15.90
N GLN A 242 15.38 -16.88 -17.22
CA GLN A 242 16.20 -17.99 -17.77
C GLN A 242 17.68 -17.82 -17.36
N LEU A 243 18.19 -16.59 -17.47
CA LEU A 243 19.59 -16.34 -17.04
C LEU A 243 19.82 -16.86 -15.59
N VAL A 244 18.84 -16.65 -14.69
CA VAL A 244 19.01 -16.93 -13.27
C VAL A 244 18.86 -18.44 -13.02
N THR A 245 17.93 -19.06 -13.75
CA THR A 245 17.84 -20.53 -13.73
C THR A 245 19.11 -21.16 -14.13
N GLU A 246 19.69 -20.70 -15.25
CA GLU A 246 20.97 -21.17 -15.71
C GLU A 246 22.02 -20.86 -14.63
N HIS A 247 21.94 -19.66 -14.04
CA HIS A 247 22.95 -19.28 -13.03
C HIS A 247 22.86 -20.25 -11.85
N ALA A 248 21.65 -20.70 -11.54
CA ALA A 248 21.44 -21.42 -10.27
C ALA A 248 21.89 -22.88 -10.52
N GLN A 249 21.62 -23.41 -11.73
CA GLN A 249 22.22 -24.70 -12.13
C GLN A 249 23.75 -24.70 -11.96
N MET A 250 24.42 -23.65 -12.48
CA MET A 250 25.86 -23.51 -12.36
C MET A 250 26.28 -23.43 -10.94
N MET A 251 25.53 -22.72 -10.10
CA MET A 251 25.92 -22.62 -8.68
C MET A 251 25.82 -23.99 -7.98
N GLN A 252 24.76 -24.72 -8.32
CA GLN A 252 24.66 -26.16 -8.01
C GLN A 252 25.89 -26.99 -8.40
N ARG A 253 26.35 -26.88 -9.64
CA ARG A 253 27.53 -27.58 -10.09
C ARG A 253 28.77 -27.21 -9.29
N ILE A 254 28.87 -25.95 -8.86
CA ILE A 254 30.04 -25.44 -8.07
C ILE A 254 29.96 -25.98 -6.63
N LYS A 255 28.78 -25.95 -6.04
CA LYS A 255 28.53 -26.61 -4.78
C LYS A 255 28.90 -28.10 -4.87
N LYS A 256 28.43 -28.80 -5.90
CA LYS A 256 28.81 -30.18 -6.12
C LYS A 256 30.34 -30.43 -6.29
N THR A 257 31.01 -29.70 -7.19
CA THR A 257 32.32 -30.12 -7.74
C THR A 257 33.54 -29.35 -7.21
N GLU A 258 33.29 -28.22 -6.56
CA GLU A 258 34.38 -27.37 -6.05
C GLU A 258 34.24 -27.41 -4.54
N THR A 259 34.81 -28.42 -3.90
CA THR A 259 34.47 -28.71 -2.50
C THR A 259 35.13 -27.77 -1.50
N GLU A 260 36.32 -27.30 -1.81
CA GLU A 260 37.00 -26.36 -0.91
C GLU A 260 36.50 -24.92 -1.04
N THR A 261 35.76 -24.63 -2.11
CA THR A 261 35.02 -23.35 -2.27
C THR A 261 33.80 -23.17 -1.36
N SER A 262 33.76 -22.07 -0.62
CA SER A 262 32.63 -21.86 0.23
C SER A 262 31.63 -20.85 -0.37
N LEU A 263 30.43 -20.84 0.20
CA LEU A 263 29.37 -19.95 -0.20
C LEU A 263 28.92 -19.19 1.05
N HIS A 264 28.82 -17.87 0.94
CA HIS A 264 28.30 -17.02 2.03
C HIS A 264 26.93 -17.49 2.61
N PRO A 265 26.74 -17.46 3.97
CA PRO A 265 25.48 -18.00 4.50
C PRO A 265 24.22 -17.26 4.01
N LEU A 266 24.31 -15.96 3.71
CA LEU A 266 23.16 -15.24 3.10
C LEU A 266 22.77 -15.82 1.74
N LEU A 267 23.78 -16.19 0.97
CA LEU A 267 23.59 -16.85 -0.31
C LEU A 267 23.14 -18.33 -0.19
N GLN A 268 23.70 -19.07 0.79
CA GLN A 268 23.14 -20.40 1.12
C GLN A 268 21.61 -20.36 1.31
N GLU A 269 21.13 -19.51 2.22
CA GLU A 269 19.69 -19.41 2.41
C GLU A 269 18.99 -19.23 1.07
N ILE A 270 19.45 -18.28 0.24
CA ILE A 270 18.77 -18.07 -1.06
C ILE A 270 18.73 -19.31 -1.96
N TYR A 271 19.83 -20.04 -2.04
CA TYR A 271 19.95 -21.15 -2.94
C TYR A 271 19.29 -22.44 -2.42
N LYS A 272 19.16 -22.52 -1.08
CA LYS A 272 18.47 -23.60 -0.37
C LYS A 272 17.11 -23.90 -1.00
N LYS B 10 -3.33 20.06 18.76
CA LYS B 10 -4.14 21.19 19.35
C LYS B 10 -4.70 22.23 18.34
N ALA B 11 -3.82 22.95 17.65
CA ALA B 11 -4.21 23.65 16.42
C ALA B 11 -4.82 22.63 15.43
N PHE B 12 -4.12 21.53 15.26
CA PHE B 12 -4.55 20.50 14.33
C PHE B 12 -6.01 20.06 14.71
N SER B 13 -6.28 19.93 16.00
CA SER B 13 -7.59 19.51 16.49
C SER B 13 -8.61 20.55 16.31
N LYS B 14 -8.20 21.82 16.40
CA LYS B 14 -9.06 22.97 16.14
C LYS B 14 -9.50 22.89 14.71
N HIS B 15 -8.57 22.56 13.83
CA HIS B 15 -8.79 22.68 12.41
C HIS B 15 -9.74 21.60 11.92
N ILE B 16 -9.57 20.37 12.45
CA ILE B 16 -10.46 19.26 12.10
C ILE B 16 -11.87 19.57 12.66
N TYR B 17 -11.95 20.06 13.89
CA TYR B 17 -13.22 20.51 14.44
C TYR B 17 -13.94 21.49 13.51
N ASN B 18 -13.19 22.51 13.05
CA ASN B 18 -13.67 23.56 12.13
C ASN B 18 -14.20 22.92 10.87
N ALA B 19 -13.40 22.02 10.30
CA ALA B 19 -13.84 21.28 9.13
C ALA B 19 -15.16 20.48 9.40
N TYR B 20 -15.20 19.81 10.56
CA TYR B 20 -16.41 19.10 10.91
C TYR B 20 -17.61 20.04 10.90
N LEU B 21 -17.52 21.18 11.59
CA LEU B 21 -18.57 22.22 11.52
C LEU B 21 -18.92 22.75 10.12
N LYS B 22 -17.94 22.96 9.26
CA LYS B 22 -18.23 23.39 7.93
C LYS B 22 -19.10 22.32 7.23
N ASN B 23 -18.83 21.03 7.46
CA ASN B 23 -19.36 19.97 6.63
C ASN B 23 -20.59 19.19 7.08
N PHE B 24 -20.89 19.24 8.35
CA PHE B 24 -22.03 18.49 8.80
C PHE B 24 -23.10 19.45 9.28
N ASN B 25 -24.20 19.44 8.54
CA ASN B 25 -25.36 20.23 8.86
C ASN B 25 -25.81 19.95 10.33
N MET B 26 -25.87 18.67 10.71
CA MET B 26 -26.38 18.29 12.04
C MET B 26 -25.28 17.84 13.00
N THR B 27 -25.01 18.68 13.99
CA THR B 27 -24.00 18.44 14.98
C THR B 27 -24.71 17.87 16.21
N LYS B 28 -24.01 17.04 16.97
CA LYS B 28 -24.50 16.58 18.25
C LYS B 28 -25.06 17.78 19.07
N LYS B 29 -24.29 18.86 19.15
CA LYS B 29 -24.77 20.05 19.83
C LYS B 29 -26.20 20.39 19.40
N LYS B 30 -26.40 20.57 18.08
CA LYS B 30 -27.72 20.95 17.57
C LYS B 30 -28.75 19.88 17.91
N ALA B 31 -28.30 18.61 17.89
CA ALA B 31 -29.18 17.48 18.07
C ALA B 31 -29.62 17.34 19.52
N ARG B 32 -28.69 17.47 20.45
CA ARG B 32 -29.01 17.37 21.90
C ARG B 32 -29.99 18.47 22.35
N SER B 33 -29.79 19.70 21.88
CA SER B 33 -30.70 20.79 22.20
C SER B 33 -32.18 20.54 21.73
N ILE B 34 -32.37 19.70 20.71
CA ILE B 34 -33.72 19.31 20.24
C ILE B 34 -34.30 18.18 21.08
N LEU B 35 -33.49 17.14 21.25
CA LEU B 35 -33.91 15.96 21.97
C LEU B 35 -34.22 16.25 23.44
N THR B 36 -33.83 17.44 23.90
CA THR B 36 -34.19 17.93 25.23
C THR B 36 -34.42 19.44 25.12
N PRO B 44 -39.82 18.04 18.20
CA PRO B 44 -40.03 17.46 16.88
C PRO B 44 -41.27 16.54 16.81
N PHE B 45 -41.89 16.46 15.63
CA PHE B 45 -42.97 15.47 15.36
C PHE B 45 -42.54 14.01 15.62
N VAL B 46 -43.13 13.35 16.63
CA VAL B 46 -42.91 11.92 16.78
C VAL B 46 -43.45 11.14 15.57
N ILE B 47 -42.78 10.05 15.21
CA ILE B 47 -43.30 9.08 14.27
C ILE B 47 -43.15 7.77 14.99
N HIS B 48 -44.27 7.29 15.51
CA HIS B 48 -44.28 6.02 16.24
C HIS B 48 -45.09 4.98 15.52
N ASP B 49 -45.81 5.36 14.47
CA ASP B 49 -46.55 4.35 13.68
C ASP B 49 -46.98 4.74 12.25
N ILE B 50 -47.63 3.82 11.57
CA ILE B 50 -48.12 4.02 10.20
C ILE B 50 -48.80 5.35 9.91
N GLU B 51 -49.78 5.70 10.74
CA GLU B 51 -50.53 6.97 10.64
C GLU B 51 -49.57 8.18 10.70
N THR B 52 -48.79 8.24 11.78
CA THR B 52 -47.77 9.28 11.96
C THR B 52 -46.74 9.26 10.83
N LEU B 53 -46.20 8.10 10.49
CA LEU B 53 -45.32 8.03 9.34
C LEU B 53 -45.96 8.71 8.15
N TRP B 54 -47.21 8.34 7.81
CA TRP B 54 -47.83 8.79 6.56
C TRP B 54 -48.10 10.28 6.63
N GLN B 55 -48.43 10.77 7.83
CA GLN B 55 -48.64 12.21 8.05
C GLN B 55 -47.36 13.02 7.76
N ALA B 56 -46.22 12.47 8.19
CA ALA B 56 -44.93 13.12 8.00
C ALA B 56 -44.60 13.31 6.52
N GLU B 57 -45.00 12.35 5.70
CA GLU B 57 -44.75 12.45 4.27
C GLU B 57 -45.73 13.41 3.55
N LYS B 58 -46.73 13.90 4.29
CA LYS B 58 -47.75 14.78 3.72
C LYS B 58 -47.31 16.24 3.81
N TYR B 72 -43.46 4.16 -4.41
CA TYR B 72 -43.89 3.44 -3.20
C TYR B 72 -43.98 1.93 -3.41
N LYS B 73 -43.67 1.17 -2.37
CA LYS B 73 -43.77 -0.28 -2.39
C LYS B 73 -44.50 -0.82 -1.17
N GLU B 74 -44.02 -0.46 0.02
CA GLU B 74 -44.64 -0.82 1.29
C GLU B 74 -43.90 -0.01 2.39
N ILE B 75 -44.42 -0.06 3.62
CA ILE B 75 -43.88 0.75 4.72
C ILE B 75 -42.41 0.45 5.05
N SER B 76 -42.03 -0.82 5.03
CA SER B 76 -40.67 -1.20 5.43
C SER B 76 -39.63 -0.67 4.45
N VAL B 77 -39.86 -0.96 3.17
CA VAL B 77 -38.97 -0.70 2.03
C VAL B 77 -38.91 0.81 1.86
N HIS B 78 -40.04 1.43 2.21
CA HIS B 78 -40.14 2.86 2.27
C HIS B 78 -39.23 3.45 3.37
N VAL B 79 -39.20 2.81 4.54
CA VAL B 79 -38.37 3.31 5.61
C VAL B 79 -36.88 3.11 5.22
N PHE B 80 -36.60 1.92 4.69
CA PHE B 80 -35.27 1.62 4.13
C PHE B 80 -34.81 2.66 3.10
N TYR B 81 -35.70 3.13 2.23
CA TYR B 81 -35.33 4.16 1.24
C TYR B 81 -35.02 5.51 1.85
N ARG B 82 -35.69 5.79 2.96
CA ARG B 82 -35.35 6.95 3.70
C ARG B 82 -33.96 6.75 4.36
N CYS B 83 -33.62 5.54 4.82
CA CYS B 83 -32.29 5.27 5.40
C CYS B 83 -31.20 5.55 4.36
N GLN B 84 -31.38 4.95 3.19
CA GLN B 84 -30.57 5.19 2.00
C GLN B 84 -30.43 6.65 1.65
N CYS B 85 -31.53 7.41 1.66
CA CYS B 85 -31.42 8.80 1.31
C CYS B 85 -30.50 9.46 2.33
N THR B 86 -30.67 9.14 3.61
CA THR B 86 -29.84 9.78 4.67
C THR B 86 -28.35 9.35 4.57
N THR B 87 -28.13 8.08 4.25
CA THR B 87 -26.78 7.62 4.13
C THR B 87 -26.08 8.24 2.97
N VAL B 88 -26.78 8.43 1.87
CA VAL B 88 -26.18 9.00 0.67
C VAL B 88 -25.61 10.37 0.95
N GLU B 89 -26.44 11.26 1.50
CA GLU B 89 -26.09 12.61 1.90
C GLU B 89 -24.91 12.64 2.89
N THR B 90 -24.89 11.70 3.84
CA THR B 90 -23.80 11.62 4.81
C THR B 90 -22.50 11.15 4.14
N VAL B 91 -22.56 10.35 3.08
CA VAL B 91 -21.36 10.06 2.30
C VAL B 91 -20.74 11.29 1.61
N ARG B 92 -21.60 12.10 1.01
CA ARG B 92 -21.25 13.34 0.36
C ARG B 92 -20.53 14.23 1.34
N GLU B 93 -21.14 14.44 2.52
CA GLU B 93 -20.55 15.32 3.57
C GLU B 93 -19.16 14.82 4.00
N LEU B 94 -19.07 13.50 4.26
CA LEU B 94 -17.85 12.87 4.77
C LEU B 94 -16.74 12.95 3.69
N THR B 95 -17.15 12.86 2.43
CA THR B 95 -16.28 13.07 1.26
C THR B 95 -15.65 14.50 1.19
N GLU B 96 -16.46 15.52 1.45
CA GLU B 96 -15.97 16.88 1.50
C GLU B 96 -15.14 17.09 2.75
N PHE B 97 -15.57 16.47 3.84
CA PHE B 97 -14.83 16.59 5.08
C PHE B 97 -13.39 16.02 4.96
N ALA B 98 -13.25 14.83 4.37
CA ALA B 98 -11.95 14.17 4.23
C ALA B 98 -10.92 15.13 3.52
N LYS B 99 -11.42 15.91 2.56
CA LYS B 99 -10.58 16.90 1.88
C LYS B 99 -9.83 17.85 2.80
N SER B 100 -10.37 18.08 4.01
CA SER B 100 -9.72 18.95 5.04
C SER B 100 -8.79 18.23 5.98
N ILE B 101 -8.84 16.91 6.01
CA ILE B 101 -7.90 16.21 6.90
C ILE B 101 -6.50 16.40 6.25
N PRO B 102 -5.56 17.01 6.98
CA PRO B 102 -4.27 17.31 6.35
C PRO B 102 -3.54 16.07 5.84
N SER B 103 -3.06 16.20 4.60
CA SER B 103 -2.39 15.20 3.77
C SER B 103 -3.30 14.19 3.10
N PHE B 104 -4.58 14.19 3.45
CA PHE B 104 -5.46 13.26 2.83
C PHE B 104 -5.43 13.51 1.34
N SER B 105 -5.51 14.79 0.93
CA SER B 105 -5.53 15.20 -0.48
C SER B 105 -4.28 14.82 -1.26
N SER B 106 -3.19 14.59 -0.57
CA SER B 106 -1.97 14.21 -1.23
C SER B 106 -1.80 12.70 -1.30
N LEU B 107 -2.82 11.91 -0.90
CA LEU B 107 -2.73 10.46 -1.07
C LEU B 107 -3.01 10.20 -2.53
N PHE B 108 -2.56 9.03 -3.06
CA PHE B 108 -3.07 8.58 -4.38
C PHE B 108 -4.57 8.80 -4.45
N LEU B 109 -5.06 9.30 -5.59
CA LEU B 109 -6.52 9.41 -5.80
C LEU B 109 -7.27 8.08 -5.52
N ASN B 110 -6.56 7.00 -5.75
CA ASN B 110 -7.13 5.70 -5.71
C ASN B 110 -7.21 5.26 -4.25
N ASP B 111 -6.20 5.66 -3.46
CA ASP B 111 -6.22 5.37 -2.03
C ASP B 111 -7.36 6.16 -1.34
N GLN B 112 -7.59 7.38 -1.81
CA GLN B 112 -8.62 8.23 -1.24
C GLN B 112 -9.97 7.55 -1.30
N VAL B 113 -10.27 7.05 -2.48
CA VAL B 113 -11.49 6.39 -2.79
C VAL B 113 -11.69 5.14 -1.92
N THR B 114 -10.63 4.37 -1.67
CA THR B 114 -10.66 3.17 -0.86
C THR B 114 -10.89 3.55 0.59
N LEU B 115 -10.25 4.64 1.03
CA LEU B 115 -10.44 5.03 2.41
C LEU B 115 -11.90 5.38 2.58
N LEU B 116 -12.49 6.07 1.58
CA LEU B 116 -13.87 6.56 1.68
C LEU B 116 -14.83 5.39 1.62
N LYS B 117 -14.66 4.56 0.58
CA LYS B 117 -15.33 3.27 0.47
C LYS B 117 -15.47 2.42 1.69
N TYR B 118 -14.39 2.09 2.40
CA TYR B 118 -14.55 1.19 3.57
C TYR B 118 -14.79 1.90 4.88
N GLY B 119 -14.69 3.22 4.87
CA GLY B 119 -14.79 3.91 6.12
C GLY B 119 -16.06 4.68 6.36
N VAL B 120 -16.74 5.14 5.30
CA VAL B 120 -17.87 6.07 5.48
C VAL B 120 -18.93 5.43 6.42
N HIS B 121 -19.17 4.13 6.26
CA HIS B 121 -20.22 3.50 7.07
C HIS B 121 -19.85 3.45 8.54
N GLU B 122 -18.58 3.19 8.87
CA GLU B 122 -18.11 3.24 10.28
C GLU B 122 -18.28 4.65 10.85
N ALA B 123 -17.98 5.65 10.03
CA ALA B 123 -18.22 7.06 10.40
C ALA B 123 -19.72 7.39 10.52
N ILE B 124 -20.48 7.06 9.49
CA ILE B 124 -21.96 7.21 9.55
C ILE B 124 -22.57 6.58 10.81
N PHE B 125 -22.14 5.37 11.18
CA PHE B 125 -22.71 4.77 12.40
C PHE B 125 -22.17 5.33 13.67
N ALA B 126 -20.92 5.84 13.68
CA ALA B 126 -20.46 6.57 14.86
C ALA B 126 -21.21 7.86 15.09
N MET B 127 -21.49 8.62 14.01
CA MET B 127 -22.26 9.85 14.13
C MET B 127 -23.75 9.72 14.36
N LEU B 128 -24.32 8.56 14.02
CA LEU B 128 -25.70 8.21 14.35
C LEU B 128 -26.01 8.37 15.90
N ALA B 129 -25.07 7.99 16.75
CA ALA B 129 -25.15 8.15 18.19
C ALA B 129 -25.53 9.58 18.57
N SER B 130 -25.07 10.57 17.79
CA SER B 130 -25.32 11.97 18.08
C SER B 130 -26.77 12.40 17.93
N ILE B 131 -27.52 11.70 17.10
CA ILE B 131 -28.94 12.05 16.84
C ILE B 131 -29.91 10.99 17.42
N VAL B 132 -29.39 10.09 18.24
CA VAL B 132 -30.14 8.95 18.75
C VAL B 132 -30.29 9.09 20.28
N ASN B 133 -31.41 8.65 20.84
CA ASN B 133 -31.40 8.36 22.25
C ASN B 133 -32.01 7.00 22.34
N LYS B 134 -32.12 6.47 23.55
CA LYS B 134 -32.61 5.10 23.75
C LYS B 134 -33.97 4.85 23.10
N ASP B 135 -34.81 5.88 23.01
CA ASP B 135 -36.19 5.77 22.49
C ASP B 135 -36.35 5.98 20.98
N GLY B 136 -35.28 6.40 20.30
CA GLY B 136 -35.37 6.65 18.85
C GLY B 136 -34.39 7.66 18.30
N LEU B 137 -34.65 8.20 17.09
CA LEU B 137 -33.69 9.09 16.44
C LEU B 137 -34.32 10.21 15.64
N LEU B 138 -33.67 11.37 15.67
CA LEU B 138 -33.98 12.52 14.81
C LEU B 138 -33.86 12.24 13.33
N VAL B 139 -34.82 12.72 12.57
CA VAL B 139 -34.76 12.63 11.11
C VAL B 139 -35.12 13.99 10.52
N ALA B 140 -35.00 14.10 9.20
CA ALA B 140 -35.39 15.29 8.51
C ALA B 140 -34.82 16.44 9.30
N ASN B 141 -33.48 16.60 9.26
CA ASN B 141 -32.82 17.73 9.90
C ASN B 141 -33.31 18.01 11.34
N GLY B 142 -33.75 16.99 12.06
CA GLY B 142 -34.18 17.23 13.44
C GLY B 142 -35.64 17.58 13.62
N SER B 143 -36.39 17.77 12.52
CA SER B 143 -37.84 18.09 12.69
C SER B 143 -38.66 16.89 13.20
N GLY B 144 -38.22 15.68 12.85
CA GLY B 144 -38.88 14.45 13.23
C GLY B 144 -38.07 13.64 14.23
N PHE B 145 -38.76 12.78 14.97
CA PHE B 145 -38.14 11.78 15.83
C PHE B 145 -38.87 10.50 15.45
N VAL B 146 -38.15 9.41 15.22
CA VAL B 146 -38.76 8.15 14.81
C VAL B 146 -38.39 7.16 15.90
N THR B 147 -39.42 6.49 16.49
CA THR B 147 -39.19 5.73 17.68
C THR B 147 -38.58 4.46 17.31
N ARG B 148 -37.69 4.02 18.19
CA ARG B 148 -37.03 2.76 18.09
C ARG B 148 -38.08 1.61 18.10
N GLU B 149 -39.20 1.83 18.79
CA GLU B 149 -40.36 0.91 18.77
C GLU B 149 -40.82 0.66 17.33
N PHE B 150 -41.30 1.72 16.70
CA PHE B 150 -41.66 1.67 15.32
C PHE B 150 -40.64 0.91 14.46
N LEU B 151 -39.36 1.32 14.47
CA LEU B 151 -38.39 0.67 13.57
C LEU B 151 -38.29 -0.83 13.84
N ARG B 152 -38.51 -1.24 15.10
CA ARG B 152 -38.60 -2.67 15.46
C ARG B 152 -39.82 -3.38 14.85
N SER B 153 -40.88 -2.62 14.61
CA SER B 153 -42.15 -3.15 14.13
C SER B 153 -42.09 -3.48 12.65
N LEU B 154 -41.04 -2.98 11.99
CA LEU B 154 -40.86 -3.24 10.58
C LEU B 154 -40.63 -4.72 10.36
N ARG B 155 -41.06 -5.20 9.19
CA ARG B 155 -40.92 -6.62 8.90
C ARG B 155 -39.44 -6.95 8.64
N LYS B 156 -39.08 -8.21 8.87
CA LYS B 156 -37.70 -8.65 8.69
C LYS B 156 -37.36 -8.73 7.19
N PRO B 157 -36.10 -8.39 6.82
CA PRO B 157 -34.94 -8.05 7.67
C PRO B 157 -34.69 -6.53 7.89
N PHE B 158 -35.70 -5.69 7.73
CA PHE B 158 -35.48 -4.26 7.84
C PHE B 158 -35.42 -3.83 9.30
N SER B 159 -35.99 -4.66 10.16
CA SER B 159 -35.90 -4.43 11.59
C SER B 159 -34.52 -4.79 12.05
N ASP B 160 -33.95 -5.88 11.51
CA ASP B 160 -32.69 -6.44 12.07
C ASP B 160 -31.45 -5.64 11.70
N ILE B 161 -31.50 -4.95 10.55
CA ILE B 161 -30.44 -4.07 10.03
C ILE B 161 -30.41 -2.71 10.76
N ILE B 162 -31.42 -2.46 11.58
CA ILE B 162 -31.61 -1.15 12.24
C ILE B 162 -31.23 -1.25 13.68
N GLU B 163 -31.87 -2.16 14.39
CA GLU B 163 -31.68 -2.31 15.82
C GLU B 163 -30.22 -2.45 16.33
N PRO B 164 -29.36 -3.27 15.67
CA PRO B 164 -27.96 -3.27 16.12
C PRO B 164 -27.26 -1.86 16.19
N LYS B 165 -27.70 -0.87 15.41
CA LYS B 165 -27.11 0.49 15.50
C LYS B 165 -27.45 1.22 16.74
N PHE B 166 -28.70 1.01 17.20
CA PHE B 166 -29.18 1.53 18.50
C PHE B 166 -28.42 0.96 19.71
N GLU B 167 -28.26 -0.35 19.73
CA GLU B 167 -27.47 -0.97 20.77
C GLU B 167 -26.08 -0.34 20.86
N PHE B 168 -25.43 -0.09 19.70
CA PHE B 168 -24.09 0.55 19.65
C PHE B 168 -24.16 2.01 20.10
N ALA B 169 -25.14 2.72 19.54
CA ALA B 169 -25.26 4.15 19.79
C ALA B 169 -25.53 4.45 21.25
N VAL B 170 -26.22 3.53 21.95
CA VAL B 170 -26.65 3.83 23.32
C VAL B 170 -25.42 3.79 24.22
N LYS B 171 -24.60 2.79 24.04
CA LYS B 171 -23.34 2.72 24.77
C LYS B 171 -22.41 3.90 24.44
N PHE B 172 -22.13 4.11 23.14
CA PHE B 172 -21.30 5.22 22.66
C PHE B 172 -21.67 6.54 23.32
N ASN B 173 -22.93 6.88 23.29
CA ASN B 173 -23.40 8.05 24.02
C ASN B 173 -23.03 8.05 25.54
N ALA B 174 -22.80 6.88 26.12
CA ALA B 174 -22.36 6.83 27.56
C ALA B 174 -20.95 7.46 27.81
N LEU B 175 -20.12 7.46 26.75
CA LEU B 175 -18.82 8.19 26.72
C LEU B 175 -18.96 9.68 26.68
N GLU B 176 -20.15 10.22 26.38
CA GLU B 176 -20.38 11.66 26.54
C GLU B 176 -19.39 12.52 25.73
N LEU B 177 -18.90 11.99 24.61
CA LEU B 177 -18.15 12.83 23.64
C LEU B 177 -18.97 14.02 23.17
N ASP B 178 -18.30 15.15 22.90
CA ASP B 178 -18.88 16.26 22.17
C ASP B 178 -18.38 16.34 20.69
N ASP B 179 -18.79 17.37 19.99
CA ASP B 179 -18.52 17.45 18.54
C ASP B 179 -16.99 17.50 18.22
N SER B 180 -16.28 18.26 19.04
CA SER B 180 -14.86 18.47 18.88
C SER B 180 -14.07 17.16 19.02
N ASP B 181 -14.54 16.29 19.93
CA ASP B 181 -14.00 15.01 20.07
C ASP B 181 -14.35 14.18 18.82
N LEU B 182 -15.61 14.29 18.39
CA LEU B 182 -16.11 13.42 17.30
C LEU B 182 -15.40 13.70 16.00
N ALA B 183 -15.03 14.95 15.78
CA ALA B 183 -14.40 15.40 14.54
C ALA B 183 -13.08 14.63 14.35
N LEU B 184 -12.27 14.56 15.41
CA LEU B 184 -11.06 13.70 15.40
C LEU B 184 -11.37 12.20 15.26
N PHE B 185 -12.40 11.75 16.00
CA PHE B 185 -12.80 10.33 15.99
C PHE B 185 -13.12 9.91 14.54
N ILE B 186 -13.94 10.73 13.91
CA ILE B 186 -14.37 10.46 12.55
C ILE B 186 -13.17 10.47 11.58
N ALA B 187 -12.30 11.49 11.68
CA ALA B 187 -11.08 11.51 10.89
C ALA B 187 -10.22 10.25 11.10
N ALA B 188 -10.04 9.77 12.34
CA ALA B 188 -9.23 8.52 12.61
C ALA B 188 -9.80 7.28 11.90
N ILE B 189 -11.13 7.22 11.81
CA ILE B 189 -11.84 6.17 11.12
C ILE B 189 -11.58 6.24 9.62
N ILE B 190 -11.63 7.43 9.03
CA ILE B 190 -11.44 7.53 7.59
C ILE B 190 -10.01 7.11 7.30
N LEU B 191 -9.08 7.55 8.11
CA LEU B 191 -7.64 7.29 7.81
C LEU B 191 -7.14 5.98 8.42
N CYS B 192 -7.82 4.89 8.09
CA CYS B 192 -7.48 3.57 8.57
C CYS B 192 -6.51 2.79 7.68
N GLY B 193 -5.36 2.41 8.26
CA GLY B 193 -4.33 1.63 7.57
C GLY B 193 -4.71 0.30 6.92
N ASP B 194 -5.75 -0.38 7.39
CA ASP B 194 -6.06 -1.75 6.93
C ASP B 194 -7.11 -1.93 5.87
N ARG B 195 -7.51 -0.89 5.14
CA ARG B 195 -8.49 -1.12 4.10
C ARG B 195 -7.92 -2.02 2.98
N PRO B 196 -8.72 -2.94 2.40
CA PRO B 196 -8.24 -3.72 1.25
C PRO B 196 -7.86 -2.86 0.03
N GLY B 197 -6.67 -3.10 -0.49
CA GLY B 197 -6.25 -2.51 -1.75
C GLY B 197 -5.53 -1.19 -1.64
N LEU B 198 -5.15 -0.78 -0.42
CA LEU B 198 -4.39 0.45 -0.27
C LEU B 198 -3.01 0.26 -0.86
N MET B 199 -2.57 1.23 -1.67
CA MET B 199 -1.23 1.25 -2.21
C MET B 199 -0.28 1.68 -1.08
N ASN B 200 -0.49 2.89 -0.53
CA ASN B 200 0.40 3.45 0.49
C ASN B 200 -0.05 3.38 1.96
N VAL B 201 -0.05 2.15 2.48
CA VAL B 201 -0.34 1.88 3.90
C VAL B 201 0.44 2.69 4.92
N PRO B 202 1.80 2.72 4.83
CA PRO B 202 2.60 3.55 5.73
C PRO B 202 2.22 5.02 5.77
N ARG B 203 1.86 5.58 4.62
CA ARG B 203 1.49 7.01 4.55
C ARG B 203 0.09 7.19 5.26
N VAL B 204 -0.86 6.35 4.89
CA VAL B 204 -2.17 6.39 5.55
C VAL B 204 -2.01 6.22 7.06
N GLU B 205 -1.25 5.20 7.50
CA GLU B 205 -0.97 4.99 8.95
C GLU B 205 -0.36 6.20 9.68
N ALA B 206 0.62 6.85 9.06
CA ALA B 206 1.26 8.09 9.61
C ALA B 206 0.27 9.27 9.75
N ILE B 207 -0.60 9.44 8.78
CA ILE B 207 -1.66 10.45 8.96
C ILE B 207 -2.56 10.09 10.11
N GLN B 208 -3.00 8.85 10.16
CA GLN B 208 -3.83 8.40 11.32
C GLN B 208 -3.16 8.58 12.66
N ASP B 209 -1.87 8.21 12.75
CA ASP B 209 -1.15 8.36 14.02
C ASP B 209 -1.16 9.83 14.56
N THR B 210 -0.96 10.80 13.68
CA THR B 210 -1.14 12.19 14.05
C THR B 210 -2.54 12.45 14.57
N ILE B 211 -3.53 11.97 13.81
CA ILE B 211 -4.95 12.19 14.20
C ILE B 211 -5.11 11.59 15.61
N LEU B 212 -4.58 10.39 15.81
CA LEU B 212 -4.76 9.67 17.11
C LEU B 212 -4.03 10.38 18.22
N ARG B 213 -2.81 10.89 17.97
CA ARG B 213 -2.12 11.73 18.93
C ARG B 213 -2.89 13.01 19.29
N ALA B 214 -3.42 13.70 18.27
CA ALA B 214 -4.14 14.92 18.55
C ALA B 214 -5.31 14.56 19.43
N LEU B 215 -5.91 13.41 19.10
CA LEU B 215 -7.13 12.95 19.80
C LEU B 215 -6.85 12.66 21.26
N GLU B 216 -5.74 11.98 21.54
CA GLU B 216 -5.35 11.72 22.92
C GLU B 216 -5.14 13.02 23.69
N PHE B 217 -4.41 13.92 23.05
CA PHE B 217 -4.17 15.24 23.58
C PHE B 217 -5.46 15.97 23.85
N HIS B 218 -6.41 15.84 22.91
CA HIS B 218 -7.68 16.53 23.00
C HIS B 218 -8.51 16.01 24.15
N LEU B 219 -8.50 14.69 24.35
CA LEU B 219 -9.34 14.06 25.39
C LEU B 219 -8.84 14.39 26.81
N GLN B 220 -7.53 14.31 27.05
CA GLN B 220 -6.85 14.88 28.27
C GLN B 220 -7.37 16.26 28.65
N ALA B 221 -7.38 17.17 27.66
CA ALA B 221 -7.75 18.56 27.82
C ALA B 221 -9.26 18.78 27.97
N ASN B 222 -10.04 18.11 27.11
CA ASN B 222 -11.49 18.28 27.05
C ASN B 222 -12.21 17.42 28.10
N HIS B 223 -11.69 16.25 28.43
CA HIS B 223 -12.34 15.37 29.43
C HIS B 223 -11.33 14.94 30.53
N PRO B 224 -10.73 15.90 31.26
CA PRO B 224 -9.59 15.60 32.15
C PRO B 224 -9.88 14.72 33.39
N ASP B 225 -11.12 14.72 33.88
CA ASP B 225 -11.48 13.88 35.04
C ASP B 225 -12.02 12.52 34.61
N ALA B 226 -12.44 12.42 33.36
CA ALA B 226 -12.80 11.12 32.81
C ALA B 226 -11.48 10.37 32.61
N GLN B 227 -11.54 9.06 32.76
CA GLN B 227 -10.35 8.25 32.84
C GLN B 227 -10.43 7.03 31.92
N TYR B 228 -9.38 6.83 31.13
CA TYR B 228 -9.30 5.71 30.21
C TYR B 228 -10.16 5.89 28.95
N LEU B 229 -10.52 7.12 28.64
CA LEU B 229 -11.37 7.43 27.50
C LEU B 229 -10.66 7.06 26.21
N PHE B 230 -9.40 7.50 26.03
CA PHE B 230 -8.67 7.24 24.75
C PHE B 230 -8.71 5.77 24.35
N PRO B 231 -8.33 4.85 25.28
CA PRO B 231 -8.41 3.46 24.78
C PRO B 231 -9.82 2.93 24.73
N LYS B 232 -10.77 3.58 25.39
CA LYS B 232 -12.14 3.15 25.20
C LYS B 232 -12.59 3.50 23.76
N LEU B 233 -12.26 4.73 23.34
CA LEU B 233 -12.43 5.15 21.97
C LEU B 233 -11.71 4.23 20.98
N LEU B 234 -10.52 3.73 21.29
CA LEU B 234 -9.86 2.84 20.28
C LEU B 234 -10.64 1.57 20.14
N GLN B 235 -11.18 1.10 21.24
CA GLN B 235 -12.05 -0.07 21.20
C GLN B 235 -13.35 0.15 20.40
N LYS B 236 -14.01 1.28 20.64
CA LYS B 236 -15.20 1.65 19.82
C LYS B 236 -14.89 1.53 18.31
N MET B 237 -13.68 1.92 17.89
CA MET B 237 -13.30 1.76 16.46
C MET B 237 -13.29 0.30 15.98
N ALA B 238 -12.83 -0.62 16.80
CA ALA B 238 -13.02 -2.06 16.48
C ALA B 238 -14.47 -2.54 16.63
N ASP B 239 -15.24 -1.99 17.57
CA ASP B 239 -16.69 -2.28 17.67
C ASP B 239 -17.41 -1.91 16.37
N LEU B 240 -17.14 -0.70 15.87
CA LEU B 240 -17.70 -0.22 14.57
C LEU B 240 -17.27 -1.06 13.38
N ARG B 241 -16.03 -1.48 13.38
CA ARG B 241 -15.59 -2.28 12.23
C ARG B 241 -16.44 -3.55 12.21
N GLN B 242 -16.64 -4.14 13.38
CA GLN B 242 -17.51 -5.32 13.49
C GLN B 242 -18.97 -4.99 13.15
N LEU B 243 -19.45 -3.86 13.63
CA LEU B 243 -20.80 -3.49 13.29
C LEU B 243 -20.99 -3.38 11.76
N VAL B 244 -20.05 -2.75 11.06
CA VAL B 244 -20.16 -2.58 9.60
C VAL B 244 -19.99 -3.88 8.80
N THR B 245 -19.31 -4.86 9.40
CA THR B 245 -19.10 -6.17 8.79
C THR B 245 -20.47 -6.82 8.70
N GLU B 246 -21.08 -6.93 9.87
CA GLU B 246 -22.40 -7.51 10.03
C GLU B 246 -23.50 -6.72 9.30
N HIS B 247 -23.28 -5.42 9.07
CA HIS B 247 -24.18 -4.60 8.25
C HIS B 247 -24.04 -4.88 6.75
N ALA B 248 -22.81 -4.84 6.28
CA ALA B 248 -22.52 -5.31 4.94
C ALA B 248 -23.10 -6.74 4.75
N GLN B 249 -22.84 -7.66 5.69
CA GLN B 249 -23.49 -8.99 5.68
C GLN B 249 -25.01 -8.92 5.43
N MET B 250 -25.71 -8.02 6.14
CA MET B 250 -27.16 -7.96 6.09
C MET B 250 -27.66 -7.31 4.82
N MET B 251 -26.84 -6.42 4.26
CA MET B 251 -27.17 -5.69 3.05
C MET B 251 -27.19 -6.59 1.83
N GLN B 252 -26.18 -7.47 1.75
CA GLN B 252 -26.10 -8.46 0.66
C GLN B 252 -27.20 -9.53 0.70
N ARG B 253 -27.79 -9.76 1.88
CA ARG B 253 -28.92 -10.67 2.07
C ARG B 253 -30.16 -9.99 1.52
N ILE B 254 -30.36 -8.73 1.87
CA ILE B 254 -31.38 -7.87 1.26
C ILE B 254 -31.22 -7.73 -0.27
N LYS B 255 -29.96 -7.69 -0.73
CA LYS B 255 -29.66 -7.51 -2.16
C LYS B 255 -30.22 -8.69 -2.95
N LYS B 256 -30.31 -9.84 -2.27
CA LYS B 256 -30.84 -11.05 -2.89
C LYS B 256 -32.29 -11.28 -2.49
N THR B 257 -32.56 -11.50 -1.21
CA THR B 257 -33.92 -11.82 -0.73
C THR B 257 -34.96 -10.71 -0.97
N GLU B 258 -34.55 -9.44 -0.98
CA GLU B 258 -35.50 -8.38 -1.31
C GLU B 258 -35.28 -7.92 -2.75
N THR B 259 -35.66 -8.82 -3.64
CA THR B 259 -35.52 -8.67 -5.09
C THR B 259 -36.06 -7.33 -5.62
N GLU B 260 -37.18 -6.86 -5.05
CA GLU B 260 -37.83 -5.64 -5.54
C GLU B 260 -37.37 -4.31 -4.90
N THR B 261 -36.50 -4.40 -3.90
CA THR B 261 -35.97 -3.23 -3.20
C THR B 261 -34.76 -2.64 -3.94
N SER B 262 -34.87 -1.38 -4.33
CA SER B 262 -33.78 -0.75 -5.03
C SER B 262 -32.78 -0.14 -4.04
N LEU B 263 -31.55 -0.04 -4.52
CA LEU B 263 -30.42 0.48 -3.76
C LEU B 263 -29.76 1.60 -4.53
N HIS B 264 -29.65 2.78 -3.92
CA HIS B 264 -29.08 3.97 -4.57
C HIS B 264 -27.75 3.61 -5.25
N PRO B 265 -27.50 4.12 -6.47
CA PRO B 265 -26.28 3.61 -7.13
C PRO B 265 -25.00 3.98 -6.35
N LEU B 266 -24.95 5.17 -5.77
CA LEU B 266 -23.81 5.51 -4.92
C LEU B 266 -23.53 4.43 -3.86
N LEU B 267 -24.59 3.83 -3.30
CA LEU B 267 -24.46 2.71 -2.36
C LEU B 267 -24.16 1.33 -2.98
N GLN B 268 -24.40 1.19 -4.29
CA GLN B 268 -23.97 0.01 -5.03
C GLN B 268 -22.42 -0.09 -5.17
N GLU B 269 -21.77 0.98 -5.61
CA GLU B 269 -20.30 0.99 -5.62
C GLU B 269 -19.71 0.60 -4.26
N ILE B 270 -20.18 1.25 -3.18
CA ILE B 270 -19.63 0.96 -1.83
C ILE B 270 -19.74 -0.51 -1.49
N TYR B 271 -20.87 -1.13 -1.84
CA TYR B 271 -21.09 -2.55 -1.50
C TYR B 271 -20.49 -3.58 -2.48
N LYS B 272 -20.36 -3.18 -3.77
CA LYS B 272 -19.59 -3.89 -4.79
C LYS B 272 -18.38 -4.64 -4.22
#